data_2VUD
#
_entry.id   2VUD
#
_cell.length_a   53.079
_cell.length_b   73.179
_cell.length_c   55.367
_cell.angle_alpha   90.00
_cell.angle_beta   93.86
_cell.angle_gamma   90.00
#
_symmetry.space_group_name_H-M   'P 1 21 1'
#
loop_
_entity.id
_entity.type
_entity.pdbx_description
1 polymer 'FUCOSE-BINDING LECTIN PA-IIL'
2 non-polymer 'CALCIUM ION'
3 non-polymer 'SULFATE ION'
4 non-polymer alpha-L-fucopyranose
5 non-polymer '[1-(2-oxoethyl)-1H-1,2,3-triazol-5-yl]methyl 6-deoxy-alpha-L-galactopyranoside'
6 water water
#
_entity_poly.entity_id   1
_entity_poly.type   'polypeptide(L)'
_entity_poly.pdbx_seq_one_letter_code
;ATQGVFTLPANTRFGVTAFANSSGTQTVNVLVNNETAATFSGQSTNNAVIGTQVLNSGSSGKVQVQVSVNGRPSDLVSAQ
VILTNELNFALVGSEDGTDNDYNDAVVVINWPLG
;
_entity_poly.pdbx_strand_id   A,B,C,D
#
loop_
_chem_comp.id
_chem_comp.type
_chem_comp.name
_chem_comp.formula
CA non-polymer 'CALCIUM ION' 'Ca 2'
FUC L-saccharide, alpha linking alpha-L-fucopyranose 'C6 H12 O5'
LZ0 L-saccharide '[1-(2-oxoethyl)-1H-1,2,3-triazol-5-yl]methyl 6-deoxy-alpha-L-galactopyranoside' 'C11 H17 N3 O6'
SO4 non-polymer 'SULFATE ION' 'O4 S -2'
#
# COMPACT_ATOMS: atom_id res chain seq x y z
N ALA A 1 15.58 8.58 -3.10
CA ALA A 1 14.48 8.74 -4.09
C ALA A 1 13.62 9.94 -3.77
N THR A 2 13.00 10.54 -4.79
CA THR A 2 12.06 11.65 -4.59
C THR A 2 10.79 11.12 -3.86
N GLN A 3 10.34 11.85 -2.83
CA GLN A 3 9.17 11.46 -2.04
C GLN A 3 8.23 12.65 -1.97
N GLY A 4 6.94 12.36 -1.86
CA GLY A 4 5.92 13.40 -1.76
C GLY A 4 5.44 13.95 -3.08
N VAL A 5 5.82 13.30 -4.20
CA VAL A 5 5.39 13.71 -5.53
C VAL A 5 4.43 12.65 -6.10
N PHE A 6 3.28 13.11 -6.56
CA PHE A 6 2.23 12.22 -7.11
C PHE A 6 1.66 12.70 -8.43
N THR A 7 1.49 11.77 -9.38
CA THR A 7 0.79 12.05 -10.66
C THR A 7 -0.66 11.60 -10.55
N LEU A 8 -1.55 12.58 -10.45
CA LEU A 8 -2.96 12.34 -10.45
C LEU A 8 -3.56 12.45 -11.87
N PRO A 9 -4.76 11.88 -12.06
CA PRO A 9 -5.43 12.09 -13.35
C PRO A 9 -5.69 13.59 -13.56
N ALA A 10 -5.54 14.06 -14.81
CA ALA A 10 -5.65 15.48 -15.13
C ALA A 10 -7.03 16.03 -14.79
N ASN A 11 -7.06 17.29 -14.32
CA ASN A 11 -8.31 18.04 -14.06
C ASN A 11 -9.31 17.34 -13.13
N THR A 12 -8.78 16.75 -12.07
CA THR A 12 -9.58 15.98 -11.10
C THR A 12 -9.44 16.61 -9.72
N ARG A 13 -10.55 16.78 -9.03
N ARG A 13 -10.58 16.78 -9.05
CA ARG A 13 -10.50 17.35 -7.68
CA ARG A 13 -10.64 17.22 -7.65
C ARG A 13 -10.12 16.31 -6.63
C ARG A 13 -9.95 16.22 -6.73
N PHE A 14 -9.25 16.73 -5.72
CA PHE A 14 -8.73 15.88 -4.66
C PHE A 14 -8.79 16.55 -3.31
N GLY A 15 -8.85 15.74 -2.26
CA GLY A 15 -8.82 16.29 -0.90
C GLY A 15 -7.43 16.18 -0.29
N VAL A 16 -7.04 17.19 0.49
CA VAL A 16 -5.77 17.17 1.19
C VAL A 16 -5.93 17.61 2.65
N THR A 17 -5.42 16.77 3.56
CA THR A 17 -5.56 16.98 5.00
C THR A 17 -4.25 16.78 5.74
N ALA A 18 -3.94 17.67 6.70
CA ALA A 18 -2.67 17.61 7.39
C ALA A 18 -2.83 17.46 8.89
N PHE A 19 -2.02 16.59 9.51
CA PHE A 19 -2.01 16.40 10.98
C PHE A 19 -0.63 16.79 11.58
N ALA A 20 -0.59 17.16 12.85
CA ALA A 20 0.68 17.51 13.53
C ALA A 20 0.93 16.67 14.79
N ASN A 21 2.17 16.21 14.95
CA ASN A 21 2.58 15.42 16.13
C ASN A 21 4.03 15.78 16.55
N SER A 22 4.22 17.02 17.01
CA SER A 22 5.58 17.50 17.31
C SER A 22 5.56 18.73 18.25
N SER A 23 6.68 18.97 18.93
CA SER A 23 6.86 20.20 19.70
C SER A 23 6.92 21.43 18.80
N GLY A 24 7.40 21.25 17.58
CA GLY A 24 7.61 22.39 16.67
C GLY A 24 6.43 22.67 15.75
N THR A 25 6.28 23.94 15.35
CA THR A 25 5.24 24.35 14.42
C THR A 25 5.53 23.82 13.00
N GLN A 26 4.53 23.15 12.41
CA GLN A 26 4.67 22.56 11.07
C GLN A 26 4.11 23.50 10.00
N THR A 27 4.87 23.66 8.90
CA THR A 27 4.36 24.37 7.71
C THR A 27 4.28 23.43 6.51
N VAL A 28 3.06 23.17 6.03
CA VAL A 28 2.84 22.23 4.92
C VAL A 28 2.45 23.02 3.66
N ASN A 29 3.22 22.87 2.60
CA ASN A 29 2.89 23.46 1.31
C ASN A 29 2.48 22.39 0.29
N VAL A 30 1.38 22.63 -0.41
CA VAL A 30 0.89 21.73 -1.44
C VAL A 30 1.00 22.45 -2.78
N LEU A 31 1.81 21.87 -3.67
CA LEU A 31 2.07 22.44 -4.98
C LEU A 31 1.26 21.69 -6.08
N VAL A 32 0.72 22.45 -7.02
CA VAL A 32 0.06 21.87 -8.22
C VAL A 32 0.72 22.49 -9.46
N ASN A 33 1.27 21.65 -10.34
CA ASN A 33 2.02 22.12 -11.51
C ASN A 33 3.19 23.05 -11.09
N ASN A 34 3.87 22.65 -10.02
CA ASN A 34 5.07 23.35 -9.53
C ASN A 34 4.84 24.77 -9.00
N GLU A 35 3.60 25.06 -8.60
CA GLU A 35 3.26 26.32 -7.96
C GLU A 35 2.44 26.03 -6.69
N THR A 36 2.66 26.83 -5.64
CA THR A 36 1.94 26.67 -4.37
C THR A 36 0.44 26.89 -4.51
N ALA A 37 -0.35 25.88 -4.14
CA ALA A 37 -1.80 25.91 -4.24
C ALA A 37 -2.48 26.04 -2.87
N ALA A 38 -1.86 25.49 -1.83
CA ALA A 38 -2.37 25.55 -0.45
C ALA A 38 -1.22 25.54 0.54
N THR A 39 -1.43 26.23 1.66
CA THR A 39 -0.46 26.25 2.76
C THR A 39 -1.17 26.10 4.11
N PHE A 40 -0.72 25.13 4.90
CA PHE A 40 -1.26 24.86 6.22
C PHE A 40 -0.15 25.08 7.28
N SER A 41 -0.53 25.49 8.46
CA SER A 41 0.41 25.62 9.59
C SER A 41 -0.26 25.41 10.95
N GLY A 42 0.52 24.91 11.91
CA GLY A 42 0.03 24.75 13.29
C GLY A 42 0.90 23.85 14.12
N GLN A 43 0.55 23.74 15.39
CA GLN A 43 1.33 22.95 16.34
C GLN A 43 0.46 22.08 17.24
N SER A 44 0.83 20.80 17.37
CA SER A 44 0.12 19.86 18.23
C SER A 44 0.98 18.64 18.49
N THR A 45 0.85 18.07 19.69
CA THR A 45 1.41 16.75 19.95
C THR A 45 0.30 15.71 20.11
N ASN A 46 -0.90 16.05 19.66
CA ASN A 46 -2.09 15.25 19.81
C ASN A 46 -2.87 15.02 18.48
N ASN A 47 -2.14 14.98 17.37
CA ASN A 47 -2.71 14.68 16.03
C ASN A 47 -3.82 15.61 15.56
N ALA A 48 -3.77 16.87 16.00
CA ALA A 48 -4.79 17.86 15.58
C ALA A 48 -4.68 18.13 14.08
N VAL A 49 -5.81 18.41 13.44
CA VAL A 49 -5.82 18.77 12.02
C VAL A 49 -5.43 20.23 11.90
N ILE A 50 -4.27 20.49 11.27
CA ILE A 50 -3.81 21.86 11.04
C ILE A 50 -4.34 22.45 9.72
N GLY A 51 -4.92 21.62 8.84
CA GLY A 51 -5.55 22.15 7.62
C GLY A 51 -6.20 21.05 6.79
N THR A 52 -7.23 21.44 6.06
CA THR A 52 -7.89 20.55 5.11
C THR A 52 -8.49 21.37 3.99
N GLN A 53 -8.40 20.86 2.77
CA GLN A 53 -8.84 21.64 1.60
C GLN A 53 -9.14 20.77 0.40
N VAL A 54 -9.97 21.27 -0.49
CA VAL A 54 -10.24 20.61 -1.79
C VAL A 54 -9.57 21.42 -2.91
N LEU A 55 -8.74 20.75 -3.71
CA LEU A 55 -8.01 21.37 -4.85
C LEU A 55 -8.22 20.64 -6.19
N ASN A 56 -7.84 21.28 -7.30
CA ASN A 56 -7.88 20.69 -8.62
C ASN A 56 -6.47 20.29 -9.09
N SER A 57 -6.36 19.11 -9.71
CA SER A 57 -5.06 18.56 -10.11
C SER A 57 -4.48 19.27 -11.34
N GLY A 58 -5.36 19.94 -12.09
CA GLY A 58 -4.92 20.75 -13.25
C GLY A 58 -4.56 19.92 -14.47
N SER A 59 -4.02 20.60 -15.48
CA SER A 59 -3.74 20.00 -16.77
C SER A 59 -2.68 18.89 -16.71
N SER A 60 -1.70 19.06 -15.81
CA SER A 60 -0.60 18.11 -15.71
C SER A 60 -0.87 17.00 -14.71
N GLY A 61 -1.65 17.29 -13.66
CA GLY A 61 -1.95 16.32 -12.62
C GLY A 61 -0.82 16.15 -11.61
N LYS A 62 0.24 16.95 -11.75
CA LYS A 62 1.41 16.83 -10.85
C LYS A 62 1.16 17.55 -9.52
N VAL A 63 1.17 16.77 -8.43
CA VAL A 63 0.95 17.28 -7.08
C VAL A 63 2.15 16.94 -6.18
N GLN A 64 2.64 17.95 -5.46
CA GLN A 64 3.79 17.78 -4.55
C GLN A 64 3.50 18.33 -3.13
N VAL A 65 3.94 17.58 -2.12
CA VAL A 65 3.81 18.01 -0.71
C VAL A 65 5.21 18.34 -0.17
N GLN A 66 5.37 19.48 0.48
CA GLN A 66 6.62 19.87 1.14
C GLN A 66 6.33 20.33 2.56
N VAL A 67 7.20 19.96 3.52
CA VAL A 67 7.01 20.29 4.94
C VAL A 67 8.27 21.01 5.48
N SER A 68 8.05 22.10 6.21
N SER A 68 8.06 22.10 6.20
CA SER A 68 9.14 22.86 6.85
CA SER A 68 9.15 22.88 6.84
C SER A 68 8.87 23.04 8.34
C SER A 68 8.90 23.11 8.33
N VAL A 69 9.92 22.83 9.15
CA VAL A 69 9.84 23.02 10.62
C VAL A 69 11.10 23.72 11.13
N ASN A 70 10.92 24.72 12.00
CA ASN A 70 12.08 25.47 12.57
C ASN A 70 13.07 26.03 11.51
N GLY A 71 12.54 26.29 10.31
CA GLY A 71 13.30 26.88 9.20
C GLY A 71 13.99 25.89 8.29
N ARG A 72 13.77 24.58 8.51
CA ARG A 72 14.45 23.53 7.67
C ARG A 72 13.43 22.53 7.09
N PRO A 73 13.61 22.13 5.81
CA PRO A 73 12.71 21.13 5.22
C PRO A 73 12.82 19.80 5.95
N SER A 74 11.67 19.18 6.23
CA SER A 74 11.64 17.84 6.89
C SER A 74 11.94 16.70 5.89
N ASP A 75 12.44 15.58 6.39
CA ASP A 75 12.69 14.42 5.53
C ASP A 75 11.35 13.72 5.30
N LEU A 76 11.04 13.39 4.04
CA LEU A 76 9.71 12.86 3.65
C LEU A 76 9.72 11.36 3.32
N VAL A 77 8.61 10.70 3.64
CA VAL A 77 8.35 9.33 3.18
C VAL A 77 6.95 9.28 2.57
N SER A 78 6.78 8.55 1.47
CA SER A 78 5.46 8.57 0.81
C SER A 78 5.18 7.31 0.01
N ALA A 79 3.90 7.08 -0.26
CA ALA A 79 3.43 6.00 -1.16
C ALA A 79 2.00 6.21 -1.60
N GLN A 80 1.62 5.61 -2.74
CA GLN A 80 0.22 5.69 -3.19
C GLN A 80 -0.42 4.30 -3.11
N VAL A 81 -1.64 4.26 -2.60
CA VAL A 81 -2.37 2.98 -2.46
C VAL A 81 -3.73 3.10 -3.16
N ILE A 82 -4.11 2.08 -3.93
CA ILE A 82 -5.38 2.04 -4.65
C ILE A 82 -6.17 0.77 -4.23
N LEU A 83 -7.39 1.00 -3.74
CA LEU A 83 -8.30 -0.07 -3.26
C LEU A 83 -9.43 -0.31 -4.28
N THR A 84 -9.75 -1.60 -4.49
CA THR A 84 -10.74 -2.10 -5.47
C THR A 84 -10.71 -1.36 -6.84
N ASN A 85 -9.48 -1.01 -7.27
CA ASN A 85 -9.22 -0.35 -8.57
C ASN A 85 -9.96 0.98 -8.75
N GLU A 86 -10.35 1.61 -7.64
CA GLU A 86 -11.20 2.83 -7.67
C GLU A 86 -10.75 3.94 -6.73
N LEU A 87 -10.43 3.59 -5.48
CA LEU A 87 -10.20 4.60 -4.46
C LEU A 87 -8.70 4.79 -4.27
N ASN A 88 -8.23 6.04 -4.32
CA ASN A 88 -6.80 6.37 -4.28
C ASN A 88 -6.42 7.15 -3.02
N PHE A 89 -5.34 6.70 -2.36
CA PHE A 89 -4.76 7.43 -1.24
C PHE A 89 -3.31 7.80 -1.58
N ALA A 90 -2.94 9.05 -1.36
CA ALA A 90 -1.52 9.44 -1.47
C ALA A 90 -1.09 9.91 -0.06
N LEU A 91 -0.16 9.17 0.52
CA LEU A 91 0.22 9.32 1.93
C LEU A 91 1.64 9.88 2.10
N VAL A 92 1.77 10.83 3.01
CA VAL A 92 3.06 11.44 3.30
C VAL A 92 3.35 11.47 4.82
N GLY A 93 4.54 11.02 5.21
CA GLY A 93 5.06 11.25 6.60
C GLY A 93 6.31 12.13 6.55
N SER A 94 6.63 12.80 7.66
CA SER A 94 7.78 13.69 7.71
C SER A 94 8.44 13.68 9.07
N GLU A 95 9.76 13.87 9.06
CA GLU A 95 10.57 13.92 10.30
C GLU A 95 11.32 15.26 10.44
N ASP A 96 11.12 15.91 11.57
CA ASP A 96 11.75 17.21 11.80
C ASP A 96 12.91 17.15 12.80
N GLY A 97 13.09 15.99 13.44
CA GLY A 97 14.05 15.87 14.53
C GLY A 97 14.94 14.65 14.37
N THR A 98 15.14 13.94 15.49
CA THR A 98 16.11 12.85 15.56
C THR A 98 15.50 11.50 15.93
N ASP A 99 14.22 11.50 16.34
CA ASP A 99 13.63 10.28 16.89
C ASP A 99 13.10 9.32 15.80
N ASN A 100 13.00 9.81 14.56
CA ASN A 100 12.55 9.02 13.40
C ASN A 100 11.19 8.34 13.54
N ASP A 101 10.26 9.04 14.16
CA ASP A 101 8.87 8.52 14.19
C ASP A 101 8.08 8.89 12.91
N TYR A 102 8.53 9.92 12.19
CA TYR A 102 7.99 10.31 10.88
C TYR A 102 6.51 10.74 10.88
N ASN A 103 6.00 11.17 12.04
CA ASN A 103 4.59 11.56 12.21
C ASN A 103 4.44 13.05 12.47
N ASP A 104 5.58 13.77 12.48
CA ASP A 104 5.61 15.16 12.92
C ASP A 104 4.64 16.03 12.12
N ALA A 105 4.58 15.77 10.81
CA ALA A 105 3.45 16.19 9.96
C ALA A 105 3.02 15.05 9.06
N VAL A 106 1.75 14.65 9.20
CA VAL A 106 1.17 13.56 8.43
C VAL A 106 0.19 14.16 7.41
N VAL A 107 0.40 13.87 6.13
CA VAL A 107 -0.48 14.42 5.06
C VAL A 107 -1.19 13.28 4.28
N VAL A 108 -2.51 13.39 4.16
CA VAL A 108 -3.32 12.43 3.41
C VAL A 108 -4.02 13.14 2.23
N ILE A 109 -3.78 12.61 1.03
CA ILE A 109 -4.45 13.04 -0.20
C ILE A 109 -5.35 11.92 -0.70
N ASN A 110 -6.59 12.24 -1.01
CA ASN A 110 -7.55 11.26 -1.48
C ASN A 110 -8.35 11.71 -2.71
N TRP A 111 -8.60 10.77 -3.64
CA TRP A 111 -9.41 11.01 -4.83
C TRP A 111 -9.95 9.67 -5.33
N PRO A 112 -11.07 9.70 -6.09
CA PRO A 112 -11.87 10.86 -6.45
C PRO A 112 -12.84 11.30 -5.35
N LEU A 113 -13.41 12.49 -5.52
CA LEU A 113 -14.38 13.04 -4.59
C LEU A 113 -15.80 13.01 -5.18
N GLY A 114 -16.78 13.39 -4.36
CA GLY A 114 -18.16 13.53 -4.81
C GLY A 114 -19.01 12.27 -4.76
N ALA B 1 -13.58 -11.47 1.81
CA ALA B 1 -12.71 -11.42 3.01
C ALA B 1 -13.18 -10.29 3.97
N THR B 2 -12.92 -10.42 5.26
CA THR B 2 -13.30 -9.39 6.26
C THR B 2 -12.54 -8.07 6.01
N GLN B 3 -13.25 -6.94 6.07
CA GLN B 3 -12.62 -5.64 5.84
C GLN B 3 -12.96 -4.70 6.99
N GLY B 4 -12.11 -3.69 7.18
CA GLY B 4 -12.36 -2.67 8.20
C GLY B 4 -11.98 -3.10 9.62
N VAL B 5 -11.21 -4.19 9.76
CA VAL B 5 -10.77 -4.67 11.08
C VAL B 5 -9.22 -4.65 11.12
N PHE B 6 -8.66 -4.02 12.16
CA PHE B 6 -7.20 -3.85 12.29
C PHE B 6 -6.74 -4.17 13.69
N THR B 7 -5.57 -4.78 13.83
CA THR B 7 -4.98 -5.04 15.15
C THR B 7 -3.85 -4.08 15.38
N LEU B 8 -4.05 -3.15 16.30
CA LEU B 8 -3.04 -2.17 16.72
C LEU B 8 -2.26 -2.67 17.95
N PRO B 9 -1.07 -2.10 18.19
CA PRO B 9 -0.37 -2.36 19.44
C PRO B 9 -1.25 -1.95 20.66
N ALA B 10 -1.19 -2.75 21.74
CA ALA B 10 -2.02 -2.55 22.91
C ALA B 10 -1.68 -1.23 23.63
N ASN B 11 -2.70 -0.58 24.19
CA ASN B 11 -2.53 0.63 25.06
C ASN B 11 -1.79 1.77 24.35
N THR B 12 -2.17 1.99 23.09
CA THR B 12 -1.48 2.95 22.19
C THR B 12 -2.49 3.95 21.64
N ARG B 13 -2.16 5.25 21.74
CA ARG B 13 -3.00 6.32 21.16
C ARG B 13 -2.97 6.27 19.63
N PHE B 14 -4.13 6.49 19.01
CA PHE B 14 -4.22 6.56 17.53
C PHE B 14 -5.24 7.60 17.11
N GLY B 15 -5.05 8.17 15.92
CA GLY B 15 -6.03 9.12 15.35
C GLY B 15 -6.94 8.42 14.34
N VAL B 16 -8.21 8.83 14.33
CA VAL B 16 -9.22 8.33 13.41
C VAL B 16 -9.99 9.51 12.80
N THR B 17 -10.04 9.55 11.47
CA THR B 17 -10.59 10.71 10.74
C THR B 17 -11.51 10.21 9.61
N ALA B 18 -12.72 10.76 9.55
CA ALA B 18 -13.70 10.36 8.53
C ALA B 18 -14.06 11.49 7.56
N PHE B 19 -14.19 11.11 6.27
CA PHE B 19 -14.57 12.04 5.19
C PHE B 19 -15.87 11.55 4.54
N ALA B 20 -16.62 12.47 3.92
CA ALA B 20 -17.92 12.11 3.31
C ALA B 20 -17.97 12.61 1.83
N ASN B 21 -18.44 11.73 0.94
CA ASN B 21 -18.60 12.00 -0.49
C ASN B 21 -19.81 11.29 -1.07
N SER B 22 -21.00 11.73 -0.67
CA SER B 22 -22.26 11.07 -1.09
C SER B 22 -23.42 12.02 -0.86
N SER B 23 -24.55 11.76 -1.54
CA SER B 23 -25.76 12.54 -1.28
C SER B 23 -26.49 12.05 -0.02
N GLY B 24 -26.11 10.85 0.47
CA GLY B 24 -26.65 10.28 1.70
C GLY B 24 -25.84 10.62 2.96
N THR B 25 -26.55 10.78 4.07
CA THR B 25 -25.91 11.00 5.38
C THR B 25 -25.14 9.77 5.85
N GLN B 26 -23.84 9.96 6.15
CA GLN B 26 -22.97 8.84 6.57
C GLN B 26 -22.91 8.77 8.09
N THR B 27 -22.97 7.54 8.61
CA THR B 27 -22.79 7.27 10.01
C THR B 27 -21.58 6.36 10.15
N VAL B 28 -20.55 6.88 10.81
CA VAL B 28 -19.32 6.13 11.01
C VAL B 28 -19.15 5.79 12.48
N ASN B 29 -19.08 4.49 12.77
CA ASN B 29 -18.82 4.02 14.12
C ASN B 29 -17.45 3.35 14.25
N VAL B 30 -16.69 3.76 15.27
CA VAL B 30 -15.37 3.20 15.52
C VAL B 30 -15.46 2.39 16.82
N LEU B 31 -15.17 1.09 16.70
CA LEU B 31 -15.21 0.16 17.82
C LEU B 31 -13.82 -0.21 18.32
N VAL B 32 -13.65 -0.17 19.64
CA VAL B 32 -12.41 -0.59 20.27
C VAL B 32 -12.78 -1.73 21.24
N ASN B 33 -12.19 -2.89 21.03
CA ASN B 33 -12.54 -4.10 21.79
C ASN B 33 -14.07 -4.37 21.72
N ASN B 34 -14.62 -4.25 20.50
CA ASN B 34 -16.03 -4.56 20.20
C ASN B 34 -17.06 -3.61 20.83
N GLU B 35 -16.59 -2.47 21.33
CA GLU B 35 -17.49 -1.44 21.88
C GLU B 35 -17.25 -0.09 21.21
N THR B 36 -18.35 0.59 20.91
CA THR B 36 -18.27 1.89 20.24
C THR B 36 -17.49 2.89 21.10
N ALA B 37 -16.45 3.51 20.50
CA ALA B 37 -15.59 4.46 21.21
C ALA B 37 -15.71 5.87 20.60
N ALA B 38 -16.08 5.91 19.32
CA ALA B 38 -16.32 7.16 18.58
C ALA B 38 -17.39 7.00 17.50
N THR B 39 -18.18 8.06 17.32
CA THR B 39 -19.20 8.10 16.28
C THR B 39 -19.29 9.46 15.61
N PHE B 40 -19.40 9.44 14.28
CA PHE B 40 -19.47 10.67 13.47
C PHE B 40 -20.61 10.56 12.46
N SER B 41 -21.28 11.68 12.20
CA SER B 41 -22.38 11.70 11.22
C SER B 41 -22.35 12.96 10.40
N GLY B 42 -22.75 12.88 9.14
CA GLY B 42 -22.84 14.06 8.29
C GLY B 42 -22.99 13.75 6.81
N GLN B 43 -23.39 14.75 6.05
CA GLN B 43 -23.54 14.66 4.62
C GLN B 43 -22.63 15.69 3.89
N SER B 44 -21.91 15.21 2.87
CA SER B 44 -21.04 16.05 2.04
C SER B 44 -20.78 15.38 0.71
N THR B 45 -20.73 16.18 -0.37
CA THR B 45 -20.18 15.70 -1.63
C THR B 45 -18.84 16.40 -1.94
N ASN B 46 -18.23 16.98 -0.88
CA ASN B 46 -17.00 17.77 -0.96
C ASN B 46 -15.91 17.37 0.03
N ASN B 47 -15.90 16.10 0.45
CA ASN B 47 -14.83 15.56 1.28
C ASN B 47 -14.71 16.25 2.65
N ALA B 48 -15.85 16.66 3.23
CA ALA B 48 -15.85 17.32 4.54
C ALA B 48 -15.39 16.34 5.64
N VAL B 49 -14.58 16.81 6.57
CA VAL B 49 -14.15 16.03 7.73
C VAL B 49 -15.31 15.97 8.73
N ILE B 50 -16.08 14.90 8.61
CA ILE B 50 -17.26 14.74 9.48
C ILE B 50 -16.89 14.39 10.95
N GLY B 51 -15.63 14.10 11.20
CA GLY B 51 -15.10 13.94 12.57
C GLY B 51 -13.69 13.40 12.62
N THR B 52 -12.97 13.82 13.66
CA THR B 52 -11.63 13.30 13.92
C THR B 52 -11.39 13.26 15.44
N GLN B 53 -10.85 12.15 15.92
CA GLN B 53 -10.65 11.96 17.35
C GLN B 53 -9.39 11.18 17.66
N VAL B 54 -8.93 11.34 18.90
CA VAL B 54 -7.82 10.57 19.45
C VAL B 54 -8.33 9.51 20.42
N LEU B 55 -8.03 8.24 20.12
CA LEU B 55 -8.50 7.13 20.95
C LEU B 55 -7.36 6.25 21.44
N ASN B 56 -7.61 5.50 22.51
CA ASN B 56 -6.62 4.52 22.99
C ASN B 56 -7.01 3.10 22.51
N SER B 57 -6.03 2.36 21.99
CA SER B 57 -6.29 0.98 21.48
C SER B 57 -6.71 -0.02 22.57
N GLY B 58 -6.40 0.31 23.81
CA GLY B 58 -6.81 -0.51 24.97
C GLY B 58 -6.00 -1.79 25.09
N SER B 59 -6.49 -2.73 25.90
CA SER B 59 -5.75 -3.96 26.17
C SER B 59 -5.75 -4.95 24.98
N SER B 60 -6.82 -4.92 24.18
CA SER B 60 -6.94 -5.86 23.05
C SER B 60 -6.23 -5.34 21.79
N GLY B 61 -6.30 -4.03 21.56
CA GLY B 61 -5.76 -3.45 20.35
C GLY B 61 -6.64 -3.67 19.13
N LYS B 62 -7.83 -4.25 19.31
CA LYS B 62 -8.74 -4.49 18.21
C LYS B 62 -9.53 -3.23 17.85
N VAL B 63 -9.42 -2.77 16.61
CA VAL B 63 -10.16 -1.58 16.13
C VAL B 63 -10.96 -1.93 14.89
N GLN B 64 -12.25 -1.65 14.92
CA GLN B 64 -13.15 -1.96 13.80
C GLN B 64 -13.91 -0.70 13.38
N VAL B 65 -14.01 -0.51 12.06
CA VAL B 65 -14.75 0.60 11.47
C VAL B 65 -15.99 0.06 10.74
N GLN B 66 -17.14 0.60 11.11
CA GLN B 66 -18.42 0.29 10.45
C GLN B 66 -19.08 1.54 9.93
N VAL B 67 -19.65 1.45 8.72
CA VAL B 67 -20.32 2.60 8.07
C VAL B 67 -21.74 2.20 7.68
N SER B 68 -22.71 3.07 7.97
CA SER B 68 -24.07 2.84 7.51
C SER B 68 -24.73 4.13 7.08
N VAL B 69 -25.72 4.01 6.18
CA VAL B 69 -26.50 5.18 5.71
C VAL B 69 -27.99 4.94 6.06
N ASN B 70 -28.48 5.64 7.08
CA ASN B 70 -29.86 5.47 7.59
C ASN B 70 -30.20 4.00 7.94
N GLY B 71 -29.24 3.33 8.58
CA GLY B 71 -29.43 1.97 9.02
C GLY B 71 -28.86 0.88 8.13
N ARG B 72 -28.65 1.19 6.85
CA ARG B 72 -28.19 0.20 5.87
C ARG B 72 -26.66 0.16 5.85
N PRO B 73 -26.05 -0.99 6.17
CA PRO B 73 -24.59 -1.08 6.19
C PRO B 73 -23.96 -0.94 4.79
N SER B 74 -22.90 -0.15 4.69
CA SER B 74 -22.21 0.04 3.42
C SER B 74 -21.17 -1.08 3.22
N ASP B 75 -20.87 -1.41 1.96
CA ASP B 75 -19.84 -2.41 1.64
C ASP B 75 -18.46 -1.77 1.86
N LEU B 76 -17.56 -2.49 2.52
CA LEU B 76 -16.25 -1.91 2.89
C LEU B 76 -15.06 -2.50 2.13
N VAL B 77 -14.04 -1.66 1.92
CA VAL B 77 -12.71 -2.09 1.44
C VAL B 77 -11.66 -1.50 2.40
N SER B 78 -10.53 -2.21 2.60
CA SER B 78 -9.51 -1.76 3.53
C SER B 78 -8.14 -2.35 3.27
N ALA B 79 -7.10 -1.64 3.73
CA ALA B 79 -5.74 -2.17 3.73
C ALA B 79 -4.92 -1.38 4.76
N GLN B 80 -3.75 -1.91 5.15
CA GLN B 80 -2.82 -1.20 6.03
C GLN B 80 -1.49 -1.05 5.29
N VAL B 81 -0.90 0.13 5.41
N VAL B 81 -0.88 0.12 5.43
CA VAL B 81 0.42 0.37 4.80
CA VAL B 81 0.41 0.43 4.81
C VAL B 81 1.39 0.95 5.86
C VAL B 81 1.38 0.97 5.86
N ILE B 82 2.62 0.47 5.84
CA ILE B 82 3.67 0.94 6.77
C ILE B 82 4.82 1.55 5.97
N LEU B 83 5.19 2.78 6.32
CA LEU B 83 6.31 3.50 5.69
C LEU B 83 7.51 3.53 6.65
N THR B 84 8.69 3.41 6.06
CA THR B 84 9.97 3.36 6.76
C THR B 84 9.96 2.54 8.06
N ASN B 85 9.18 1.45 8.05
CA ASN B 85 9.10 0.50 9.16
C ASN B 85 8.68 1.10 10.48
N GLU B 86 8.01 2.26 10.43
CA GLU B 86 7.60 3.01 11.64
C GLU B 86 6.21 3.61 11.57
N LEU B 87 5.83 4.16 10.42
CA LEU B 87 4.60 4.99 10.32
C LEU B 87 3.47 4.14 9.74
N ASN B 88 2.35 4.04 10.46
CA ASN B 88 1.25 3.18 10.09
C ASN B 88 -0.01 3.94 9.63
N PHE B 89 -0.64 3.41 8.57
CA PHE B 89 -1.92 3.93 8.06
C PHE B 89 -2.87 2.77 7.87
N ALA B 90 -4.04 2.86 8.48
CA ALA B 90 -5.11 1.90 8.24
C ALA B 90 -6.20 2.64 7.45
N LEU B 91 -6.49 2.13 6.24
CA LEU B 91 -7.34 2.84 5.26
C LEU B 91 -8.68 2.10 5.05
N VAL B 92 -9.79 2.85 5.07
CA VAL B 92 -11.12 2.27 4.79
C VAL B 92 -11.86 3.09 3.73
N GLY B 93 -12.46 2.38 2.77
CA GLY B 93 -13.40 2.98 1.82
C GLY B 93 -14.74 2.27 1.94
N SER B 94 -15.84 2.98 1.59
CA SER B 94 -17.20 2.40 1.71
C SER B 94 -18.10 2.80 0.52
N GLU B 95 -18.99 1.87 0.12
CA GLU B 95 -19.92 2.09 -0.99
C GLU B 95 -21.36 1.93 -0.47
N ASP B 96 -22.17 2.99 -0.66
CA ASP B 96 -23.57 2.98 -0.19
C ASP B 96 -24.57 2.73 -1.33
N GLY B 97 -24.09 2.77 -2.56
CA GLY B 97 -24.96 2.59 -3.76
C GLY B 97 -24.42 1.62 -4.81
N THR B 98 -24.49 2.07 -6.06
CA THR B 98 -24.23 1.20 -7.21
C THR B 98 -23.03 1.61 -8.08
N ASP B 99 -22.59 2.87 -7.98
CA ASP B 99 -21.55 3.37 -8.89
C ASP B 99 -20.14 2.87 -8.59
N ASN B 100 -19.94 2.31 -7.39
CA ASN B 100 -18.67 1.73 -6.97
C ASN B 100 -17.45 2.66 -7.00
N ASP B 101 -17.64 3.89 -6.56
CA ASP B 101 -16.48 4.77 -6.35
C ASP B 101 -15.87 4.58 -4.96
N TYR B 102 -16.60 3.94 -4.05
CA TYR B 102 -16.08 3.55 -2.71
C TYR B 102 -15.54 4.72 -1.85
N ASN B 103 -16.02 5.94 -2.11
CA ASN B 103 -15.54 7.12 -1.40
C ASN B 103 -16.64 7.73 -0.51
N ASP B 104 -17.79 7.06 -0.48
CA ASP B 104 -18.99 7.62 0.22
C ASP B 104 -18.70 8.00 1.67
N ALA B 105 -18.00 7.10 2.37
CA ALA B 105 -17.32 7.46 3.63
C ALA B 105 -15.91 6.87 3.61
N VAL B 106 -14.91 7.74 3.74
CA VAL B 106 -13.50 7.35 3.75
C VAL B 106 -12.97 7.53 5.17
N VAL B 107 -12.33 6.48 5.71
CA VAL B 107 -11.80 6.56 7.08
C VAL B 107 -10.30 6.28 7.11
N VAL B 108 -9.55 7.17 7.75
N VAL B 108 -9.54 7.16 7.77
CA VAL B 108 -8.09 7.00 7.88
CA VAL B 108 -8.10 6.95 7.87
C VAL B 108 -7.73 6.90 9.37
C VAL B 108 -7.69 6.90 9.35
N ILE B 109 -6.98 5.85 9.70
CA ILE B 109 -6.46 5.64 11.06
C ILE B 109 -4.93 5.73 11.02
N ASN B 110 -4.35 6.51 11.94
CA ASN B 110 -2.90 6.68 11.90
C ASN B 110 -2.25 6.54 13.30
N TRP B 111 -1.09 5.87 13.35
CA TRP B 111 -0.32 5.76 14.61
C TRP B 111 1.16 5.48 14.28
N PRO B 112 2.07 5.77 15.23
CA PRO B 112 1.82 6.36 16.55
C PRO B 112 1.70 7.88 16.53
N LEU B 113 1.22 8.45 17.63
CA LEU B 113 1.06 9.89 17.76
C LEU B 113 2.11 10.46 18.71
N GLY B 114 2.05 11.78 18.90
CA GLY B 114 2.94 12.50 19.81
C GLY B 114 4.27 12.92 19.25
N ALA C 1 15.08 8.82 4.66
CA ALA C 1 14.66 7.77 5.61
C ALA C 1 15.29 6.42 5.26
N THR C 2 15.44 5.54 6.24
CA THR C 2 15.96 4.19 6.02
C THR C 2 14.92 3.40 5.20
N GLN C 3 15.40 2.70 4.18
CA GLN C 3 14.53 1.88 3.29
C GLN C 3 15.10 0.47 3.21
N GLY C 4 14.23 -0.50 2.92
CA GLY C 4 14.67 -1.90 2.76
C GLY C 4 14.80 -2.64 4.08
N VAL C 5 14.33 -2.04 5.20
CA VAL C 5 14.42 -2.70 6.50
C VAL C 5 13.00 -2.97 7.02
N PHE C 6 12.75 -4.22 7.43
CA PHE C 6 11.41 -4.60 7.88
C PHE C 6 11.45 -5.43 9.15
N THR C 7 10.50 -5.17 10.07
CA THR C 7 10.32 -5.97 11.29
C THR C 7 9.27 -7.04 11.01
N LEU C 8 9.72 -8.27 10.81
CA LEU C 8 8.82 -9.41 10.61
C LEU C 8 8.46 -10.10 11.94
N PRO C 9 7.37 -10.88 11.96
CA PRO C 9 7.07 -11.70 13.13
C PRO C 9 8.27 -12.59 13.44
N ALA C 10 8.62 -12.71 14.73
CA ALA C 10 9.78 -13.48 15.16
C ALA C 10 9.62 -14.97 14.81
N ASN C 11 10.75 -15.60 14.44
CA ASN C 11 10.82 -17.06 14.23
C ASN C 11 9.90 -17.60 13.13
N THR C 12 9.55 -16.75 12.16
CA THR C 12 8.54 -17.07 11.15
C THR C 12 9.16 -17.18 9.73
N ARG C 13 8.74 -18.20 8.99
CA ARG C 13 9.20 -18.38 7.60
C ARG C 13 8.59 -17.35 6.64
N PHE C 14 9.40 -16.86 5.71
CA PHE C 14 8.95 -15.93 4.68
C PHE C 14 9.60 -16.23 3.35
N GLY C 15 8.93 -15.84 2.28
CA GLY C 15 9.49 -15.98 0.93
C GLY C 15 10.10 -14.70 0.40
N VAL C 16 11.30 -14.78 -0.19
CA VAL C 16 11.96 -13.63 -0.80
C VAL C 16 12.28 -13.93 -2.27
N THR C 17 11.89 -13.00 -3.14
CA THR C 17 11.97 -13.24 -4.60
C THR C 17 12.48 -11.96 -5.27
N ALA C 18 13.42 -12.11 -6.21
CA ALA C 18 14.02 -10.97 -6.92
C ALA C 18 13.81 -11.04 -8.46
N PHE C 19 13.53 -9.88 -9.05
CA PHE C 19 13.35 -9.70 -10.51
C PHE C 19 14.36 -8.69 -11.06
N ALA C 20 14.80 -8.86 -12.30
CA ALA C 20 15.80 -7.96 -12.88
C ALA C 20 15.30 -7.25 -14.14
N ASN C 21 15.55 -5.93 -14.23
CA ASN C 21 15.13 -5.11 -15.37
C ASN C 21 16.18 -4.04 -15.65
N SER C 22 17.38 -4.50 -16.08
CA SER C 22 18.49 -3.58 -16.32
C SER C 22 19.55 -4.25 -17.21
N SER C 23 20.33 -3.42 -17.89
CA SER C 23 21.44 -3.93 -18.67
C SER C 23 22.64 -4.28 -17.78
N GLY C 24 22.66 -3.75 -16.55
CA GLY C 24 23.68 -4.08 -15.57
C GLY C 24 23.33 -5.30 -14.75
N THR C 25 24.35 -6.08 -14.38
CA THR C 25 24.15 -7.28 -13.56
C THR C 25 23.78 -6.88 -12.12
N GLN C 26 22.66 -7.40 -11.62
CA GLN C 26 22.19 -7.07 -10.27
C GLN C 26 22.69 -8.07 -9.25
N THR C 27 22.94 -7.59 -8.02
CA THR C 27 23.28 -8.44 -6.89
C THR C 27 22.40 -8.03 -5.72
N VAL C 28 21.57 -8.96 -5.27
CA VAL C 28 20.67 -8.71 -4.15
C VAL C 28 21.09 -9.53 -2.93
N ASN C 29 21.30 -8.82 -1.82
CA ASN C 29 21.63 -9.43 -0.55
C ASN C 29 20.50 -9.31 0.45
N VAL C 30 20.20 -10.42 1.10
CA VAL C 30 19.14 -10.47 2.10
C VAL C 30 19.76 -10.81 3.46
N LEU C 31 19.59 -9.88 4.42
CA LEU C 31 20.18 -9.97 5.76
C LEU C 31 19.12 -10.26 6.80
N VAL C 32 19.38 -11.26 7.62
CA VAL C 32 18.46 -11.62 8.73
C VAL C 32 19.26 -11.45 10.03
N ASN C 33 18.75 -10.57 10.91
CA ASN C 33 19.46 -10.17 12.15
C ASN C 33 20.89 -9.74 11.87
N ASN C 34 21.05 -8.95 10.81
CA ASN C 34 22.32 -8.32 10.45
C ASN C 34 23.38 -9.27 9.88
N GLU C 35 22.98 -10.49 9.53
CA GLU C 35 23.86 -11.45 8.85
C GLU C 35 23.28 -11.92 7.51
N THR C 36 24.13 -11.98 6.48
CA THR C 36 23.71 -12.43 5.16
C THR C 36 23.13 -13.84 5.16
N ALA C 37 21.88 -13.95 4.72
CA ALA C 37 21.14 -15.20 4.71
C ALA C 37 20.90 -15.70 3.28
N ALA C 38 20.88 -14.78 2.30
CA ALA C 38 20.69 -15.14 0.88
C ALA C 38 21.29 -14.11 -0.05
N THR C 39 21.71 -14.55 -1.24
CA THR C 39 22.26 -13.67 -2.29
C THR C 39 21.79 -14.14 -3.69
N PHE C 40 21.23 -13.22 -4.46
CA PHE C 40 20.76 -13.53 -5.80
C PHE C 40 21.47 -12.60 -6.79
N SER C 41 21.62 -13.07 -8.03
CA SER C 41 22.29 -12.28 -9.08
C SER C 41 21.82 -12.70 -10.48
N GLY C 42 21.84 -11.75 -11.42
CA GLY C 42 21.43 -12.02 -12.81
C GLY C 42 21.38 -10.74 -13.62
N GLN C 43 21.15 -10.88 -14.93
CA GLN C 43 21.06 -9.72 -15.84
C GLN C 43 19.94 -9.97 -16.86
N SER C 44 18.92 -9.11 -16.86
CA SER C 44 17.77 -9.26 -17.75
C SER C 44 17.08 -7.90 -17.87
N THR C 45 16.53 -7.61 -19.06
CA THR C 45 15.64 -6.45 -19.23
C THR C 45 14.19 -6.93 -19.48
N ASN C 46 13.86 -8.13 -19.00
CA ASN C 46 12.55 -8.74 -19.23
C ASN C 46 12.04 -9.47 -17.96
N ASN C 47 12.36 -8.91 -16.79
CA ASN C 47 11.77 -9.31 -15.51
C ASN C 47 12.09 -10.76 -15.12
N ALA C 48 13.29 -11.24 -15.42
CA ALA C 48 13.66 -12.62 -15.07
C ALA C 48 13.77 -12.78 -13.54
N VAL C 49 13.22 -13.88 -13.04
CA VAL C 49 13.24 -14.19 -11.60
C VAL C 49 14.63 -14.74 -11.32
N ILE C 50 15.53 -13.86 -10.89
CA ILE C 50 16.95 -14.22 -10.70
C ILE C 50 17.19 -15.04 -9.40
N GLY C 51 16.20 -15.09 -8.51
CA GLY C 51 16.32 -15.85 -7.27
C GLY C 51 15.03 -15.85 -6.45
N THR C 52 14.68 -17.01 -5.89
CA THR C 52 13.57 -17.10 -4.95
C THR C 52 13.96 -18.12 -3.85
N GLN C 53 13.65 -17.80 -2.60
CA GLN C 53 14.07 -18.63 -1.47
C GLN C 53 13.13 -18.48 -0.27
N VAL C 54 13.09 -19.53 0.56
CA VAL C 54 12.35 -19.46 1.85
C VAL C 54 13.36 -19.34 3.01
N LEU C 55 13.21 -18.30 3.84
CA LEU C 55 14.11 -18.07 5.00
C LEU C 55 13.29 -17.96 6.28
N ASN C 56 13.97 -18.14 7.42
CA ASN C 56 13.35 -17.89 8.73
C ASN C 56 13.82 -16.55 9.29
N SER C 57 12.89 -15.76 9.81
CA SER C 57 13.20 -14.40 10.28
C SER C 57 14.02 -14.35 11.59
N GLY C 58 14.12 -15.48 12.31
CA GLY C 58 14.93 -15.58 13.55
C GLY C 58 14.32 -14.95 14.79
N SER C 59 15.13 -14.87 15.85
CA SER C 59 14.65 -14.41 17.14
C SER C 59 14.20 -12.94 17.15
N SER C 60 14.91 -12.08 16.41
CA SER C 60 14.61 -10.66 16.38
C SER C 60 13.54 -10.30 15.34
N GLY C 61 13.49 -11.08 14.26
CA GLY C 61 12.61 -10.76 13.12
C GLY C 61 13.05 -9.65 12.15
N LYS C 62 14.27 -9.12 12.35
CA LYS C 62 14.75 -8.01 11.54
C LYS C 62 15.24 -8.51 10.19
N VAL C 63 14.64 -7.98 9.12
CA VAL C 63 15.06 -8.37 7.76
C VAL C 63 15.47 -7.14 6.93
N GLN C 64 16.65 -7.21 6.29
CA GLN C 64 17.14 -6.10 5.45
C GLN C 64 17.50 -6.53 4.03
N VAL C 65 17.13 -5.71 3.06
CA VAL C 65 17.45 -5.95 1.63
C VAL C 65 18.44 -4.89 1.13
N GLN C 66 19.52 -5.36 0.49
CA GLN C 66 20.51 -4.47 -0.15
C GLN C 66 20.77 -4.88 -1.59
N VAL C 67 20.91 -3.88 -2.46
CA VAL C 67 21.12 -4.09 -3.88
C VAL C 67 22.36 -3.34 -4.37
N SER C 68 23.18 -4.03 -5.15
CA SER C 68 24.39 -3.42 -5.73
C SER C 68 24.68 -3.87 -7.18
N VAL C 69 25.22 -2.95 -7.98
CA VAL C 69 25.55 -3.21 -9.36
C VAL C 69 27.00 -2.78 -9.56
N ASN C 70 27.83 -3.74 -9.96
CA ASN C 70 29.30 -3.54 -10.04
C ASN C 70 29.92 -2.91 -8.78
N GLY C 71 29.44 -3.35 -7.63
CA GLY C 71 30.01 -2.95 -6.36
C GLY C 71 29.46 -1.64 -5.82
N ARG C 72 28.62 -0.97 -6.61
CA ARG C 72 27.98 0.28 -6.18
C ARG C 72 26.57 0.05 -5.63
N PRO C 73 26.29 0.51 -4.39
CA PRO C 73 24.95 0.32 -3.80
C PRO C 73 23.88 1.09 -4.55
N SER C 74 22.75 0.45 -4.82
CA SER C 74 21.64 1.11 -5.51
C SER C 74 20.76 1.88 -4.50
N ASP C 75 20.11 2.96 -4.95
CA ASP C 75 19.17 3.71 -4.12
C ASP C 75 17.88 2.91 -3.99
N LEU C 76 17.37 2.79 -2.75
CA LEU C 76 16.23 1.91 -2.49
C LEU C 76 14.95 2.64 -2.12
N VAL C 77 13.81 2.08 -2.53
N VAL C 77 13.81 2.06 -2.52
CA VAL C 77 12.49 2.51 -2.05
CA VAL C 77 12.48 2.53 -2.06
C VAL C 77 11.78 1.29 -1.48
C VAL C 77 11.66 1.33 -1.56
N SER C 78 10.97 1.50 -0.43
CA SER C 78 10.30 0.37 0.21
C SER C 78 9.01 0.72 0.95
N ALA C 79 8.15 -0.28 1.10
CA ALA C 79 6.89 -0.15 1.91
C ALA C 79 6.37 -1.55 2.23
N GLN C 80 5.58 -1.66 3.30
CA GLN C 80 4.89 -2.92 3.69
C GLN C 80 3.39 -2.71 3.59
N VAL C 81 2.70 -3.66 2.96
N VAL C 81 2.69 -3.64 2.96
CA VAL C 81 1.24 -3.62 2.81
CA VAL C 81 1.24 -3.57 2.86
C VAL C 81 0.64 -4.87 3.45
C VAL C 81 0.61 -4.85 3.41
N ILE C 82 -0.46 -4.69 4.21
CA ILE C 82 -1.16 -5.80 4.84
C ILE C 82 -2.60 -5.87 4.36
N LEU C 83 -2.97 -7.04 3.81
CA LEU C 83 -4.33 -7.29 3.30
C LEU C 83 -5.11 -8.14 4.30
N THR C 84 -6.38 -7.81 4.45
CA THR C 84 -7.31 -8.42 5.42
C THR C 84 -6.71 -8.70 6.83
N ASN C 85 -5.88 -7.77 7.29
CA ASN C 85 -5.25 -7.82 8.64
C ASN C 85 -4.46 -9.11 8.87
N GLU C 86 -3.92 -9.69 7.79
CA GLU C 86 -3.26 -11.02 7.93
C GLU C 86 -2.17 -11.29 6.87
N LEU C 87 -2.44 -10.89 5.64
CA LEU C 87 -1.53 -11.22 4.52
C LEU C 87 -0.55 -10.06 4.30
N ASN C 88 0.76 -10.34 4.35
CA ASN C 88 1.77 -9.27 4.32
C ASN C 88 2.69 -9.32 3.08
N PHE C 89 3.02 -8.14 2.57
CA PHE C 89 3.99 -7.99 1.49
C PHE C 89 4.99 -6.91 1.86
N ALA C 90 6.27 -7.21 1.78
CA ALA C 90 7.31 -6.19 1.96
C ALA C 90 7.95 -5.99 0.57
N LEU C 91 7.92 -4.76 0.10
CA LEU C 91 8.24 -4.46 -1.31
C LEU C 91 9.46 -3.56 -1.40
N VAL C 92 10.38 -3.90 -2.31
CA VAL C 92 11.61 -3.13 -2.51
C VAL C 92 11.82 -2.84 -4.02
N GLY C 93 12.13 -1.60 -4.33
CA GLY C 93 12.56 -1.17 -5.68
C GLY C 93 13.97 -0.55 -5.56
N SER C 94 14.74 -0.61 -6.64
CA SER C 94 16.11 -0.09 -6.63
C SER C 94 16.47 0.58 -7.98
N GLU C 95 17.32 1.62 -7.90
CA GLU C 95 17.80 2.33 -9.07
C GLU C 95 19.34 2.31 -9.09
N ASP C 96 19.89 1.86 -10.23
CA ASP C 96 21.32 1.75 -10.45
C ASP C 96 21.88 2.85 -11.38
N GLY C 97 21.01 3.69 -11.91
CA GLY C 97 21.40 4.68 -12.89
C GLY C 97 20.71 6.01 -12.70
N THR C 98 20.26 6.55 -13.83
CA THR C 98 19.80 7.95 -13.87
C THR C 98 18.37 8.09 -14.38
N ASP C 99 17.78 7.03 -14.94
CA ASP C 99 16.42 7.14 -15.48
C ASP C 99 15.26 7.12 -14.44
N ASN C 100 15.57 6.69 -13.24
CA ASN C 100 14.61 6.67 -12.12
C ASN C 100 13.34 5.87 -12.34
N ASP C 101 13.48 4.71 -12.98
CA ASP C 101 12.36 3.78 -13.12
C ASP C 101 12.27 2.87 -11.87
N TYR C 102 13.37 2.77 -11.11
CA TYR C 102 13.38 2.02 -9.82
C TYR C 102 12.95 0.54 -9.92
N ASN C 103 13.18 -0.06 -11.08
CA ASN C 103 12.78 -1.48 -11.31
C ASN C 103 13.97 -2.40 -11.59
N ASP C 104 15.18 -1.83 -11.47
CA ASP C 104 16.42 -2.51 -11.90
C ASP C 104 16.60 -3.83 -11.17
N ALA C 105 16.36 -3.80 -9.87
CA ALA C 105 16.11 -5.02 -9.09
C ALA C 105 14.90 -4.79 -8.21
N VAL C 106 13.89 -5.63 -8.42
CA VAL C 106 12.66 -5.56 -7.62
C VAL C 106 12.63 -6.76 -6.67
N VAL C 107 12.40 -6.51 -5.38
CA VAL C 107 12.40 -7.60 -4.40
C VAL C 107 11.04 -7.65 -3.69
N VAL C 108 10.43 -8.83 -3.67
CA VAL C 108 9.14 -9.02 -2.98
C VAL C 108 9.33 -10.04 -1.85
N ILE C 109 8.94 -9.64 -0.64
CA ILE C 109 8.95 -10.52 0.54
C ILE C 109 7.51 -10.78 0.98
N ASN C 110 7.14 -12.06 1.14
CA ASN C 110 5.75 -12.37 1.52
C ASN C 110 5.67 -13.35 2.70
N TRP C 111 4.66 -13.11 3.55
CA TRP C 111 4.36 -14.03 4.65
C TRP C 111 2.91 -13.81 5.14
N PRO C 112 2.31 -14.78 5.85
CA PRO C 112 2.89 -16.09 6.19
C PRO C 112 2.82 -17.09 5.00
N LEU C 113 3.53 -18.20 5.16
CA LEU C 113 3.59 -19.27 4.17
C LEU C 113 2.86 -20.52 4.69
N GLY C 114 2.79 -21.56 3.86
CA GLY C 114 2.16 -22.82 4.28
C GLY C 114 0.66 -22.93 4.06
N ALA D 1 -16.93 -6.09 -2.45
CA ALA D 1 -16.18 -5.32 -3.46
C ALA D 1 -15.42 -6.24 -4.41
N THR D 2 -15.35 -5.86 -5.69
CA THR D 2 -14.58 -6.62 -6.67
C THR D 2 -13.09 -6.59 -6.33
N GLN D 3 -12.43 -7.74 -6.46
CA GLN D 3 -10.99 -7.84 -6.21
C GLN D 3 -10.29 -8.54 -7.37
N GLY D 4 -9.01 -8.23 -7.53
CA GLY D 4 -8.19 -8.88 -8.55
C GLY D 4 -8.32 -8.28 -9.93
N VAL D 5 -8.89 -7.08 -10.01
CA VAL D 5 -9.04 -6.35 -11.29
C VAL D 5 -8.20 -5.06 -11.22
N PHE D 6 -7.35 -4.87 -12.23
CA PHE D 6 -6.42 -3.73 -12.25
C PHE D 6 -6.44 -3.04 -13.61
N THR D 7 -6.39 -1.71 -13.58
CA THR D 7 -6.22 -0.92 -14.80
C THR D 7 -4.79 -0.49 -14.94
N LEU D 8 -4.12 -1.05 -15.95
CA LEU D 8 -2.75 -0.68 -16.27
C LEU D 8 -2.71 0.35 -17.44
N PRO D 9 -1.57 1.06 -17.60
CA PRO D 9 -1.42 1.91 -18.79
C PRO D 9 -1.50 1.06 -20.04
N ALA D 10 -2.08 1.62 -21.11
CA ALA D 10 -2.30 0.86 -22.34
C ALA D 10 -1.01 0.45 -23.03
N ASN D 11 -1.00 -0.73 -23.63
CA ASN D 11 0.13 -1.22 -24.43
C ASN D 11 1.46 -1.23 -23.66
N THR D 12 1.41 -1.77 -22.45
CA THR D 12 2.56 -1.74 -21.52
C THR D 12 2.86 -3.18 -21.09
N ARG D 13 4.12 -3.58 -21.21
N ARG D 13 4.12 -3.57 -21.20
CA ARG D 13 4.57 -4.90 -20.72
CA ARG D 13 4.55 -4.91 -20.74
C ARG D 13 4.50 -4.93 -19.21
C ARG D 13 4.56 -4.96 -19.21
N PHE D 14 4.06 -6.07 -18.67
CA PHE D 14 4.04 -6.30 -17.21
C PHE D 14 4.42 -7.74 -16.88
N GLY D 15 5.03 -7.95 -15.71
CA GLY D 15 5.35 -9.30 -15.26
C GLY D 15 4.30 -9.84 -14.31
N VAL D 16 3.95 -11.11 -14.46
CA VAL D 16 2.97 -11.74 -13.53
C VAL D 16 3.58 -13.02 -12.99
N THR D 17 3.59 -13.18 -11.67
CA THR D 17 4.25 -14.31 -11.02
C THR D 17 3.33 -14.86 -9.95
N ALA D 18 3.21 -16.20 -9.87
CA ALA D 18 2.29 -16.82 -8.90
C ALA D 18 3.05 -17.78 -7.95
N PHE D 19 2.66 -17.78 -6.67
CA PHE D 19 3.26 -18.65 -5.64
C PHE D 19 2.13 -19.50 -5.07
N ALA D 20 2.45 -20.67 -4.53
CA ALA D 20 1.41 -21.55 -3.94
C ALA D 20 1.73 -21.93 -2.45
N ASN D 21 0.70 -21.94 -1.59
CA ASN D 21 0.84 -22.27 -0.18
C ASN D 21 -0.39 -23.03 0.28
N SER D 22 -0.60 -24.22 -0.29
CA SER D 22 -1.83 -25.02 0.01
C SER D 22 -1.63 -26.49 -0.38
N SER D 23 -2.34 -27.38 0.29
CA SER D 23 -2.35 -28.77 -0.09
C SER D 23 -3.16 -29.03 -1.39
N GLY D 24 -3.97 -28.05 -1.79
CA GLY D 24 -4.72 -28.12 -3.06
C GLY D 24 -3.97 -27.54 -4.25
N THR D 25 -4.12 -28.15 -5.42
CA THR D 25 -3.54 -27.61 -6.68
C THR D 25 -4.23 -26.32 -7.07
N GLN D 26 -3.42 -25.27 -7.25
CA GLN D 26 -3.95 -23.93 -7.56
C GLN D 26 -3.92 -23.71 -9.06
N THR D 27 -5.01 -23.16 -9.60
CA THR D 27 -5.03 -22.78 -11.02
C THR D 27 -5.23 -21.28 -11.13
N VAL D 28 -4.27 -20.60 -11.75
CA VAL D 28 -4.30 -19.14 -11.85
C VAL D 28 -4.53 -18.74 -13.33
N ASN D 29 -5.59 -17.97 -13.56
CA ASN D 29 -5.90 -17.43 -14.88
C ASN D 29 -5.68 -15.93 -14.91
N VAL D 30 -4.95 -15.49 -15.94
CA VAL D 30 -4.70 -14.07 -16.17
C VAL D 30 -5.38 -13.65 -17.47
N LEU D 31 -6.30 -12.70 -17.33
CA LEU D 31 -7.08 -12.21 -18.45
C LEU D 31 -6.64 -10.80 -18.82
N VAL D 32 -6.46 -10.56 -20.12
CA VAL D 32 -6.18 -9.22 -20.63
C VAL D 32 -7.28 -8.84 -21.62
N ASN D 33 -7.95 -7.71 -21.39
CA ASN D 33 -9.18 -7.32 -22.13
C ASN D 33 -10.22 -8.45 -22.20
N ASN D 34 -10.45 -9.07 -21.05
CA ASN D 34 -11.45 -10.11 -20.84
C ASN D 34 -11.22 -11.41 -21.59
N GLU D 35 -10.00 -11.59 -22.12
CA GLU D 35 -9.60 -12.83 -22.79
C GLU D 35 -8.37 -13.46 -22.11
N THR D 36 -8.36 -14.78 -21.94
CA THR D 36 -7.25 -15.46 -21.24
C THR D 36 -5.91 -15.29 -21.97
N ALA D 37 -4.92 -14.75 -21.24
CA ALA D 37 -3.58 -14.47 -21.75
C ALA D 37 -2.53 -15.44 -21.19
N ALA D 38 -2.74 -15.89 -19.95
CA ALA D 38 -1.84 -16.84 -19.27
C ALA D 38 -2.58 -17.71 -18.25
N THR D 39 -2.09 -18.95 -18.10
CA THR D 39 -2.61 -19.91 -17.12
C THR D 39 -1.46 -20.65 -16.44
N PHE D 40 -1.44 -20.59 -15.11
CA PHE D 40 -0.49 -21.34 -14.29
C PHE D 40 -1.18 -22.36 -13.40
N SER D 41 -0.54 -23.50 -13.21
N SER D 41 -0.54 -23.51 -13.22
N SER D 41 -0.53 -23.51 -13.21
CA SER D 41 -1.07 -24.53 -12.28
CA SER D 41 -1.05 -24.55 -12.32
CA SER D 41 -1.05 -24.57 -12.35
C SER D 41 0.03 -25.30 -11.58
C SER D 41 0.07 -25.24 -11.55
C SER D 41 0.08 -25.24 -11.56
N GLY D 42 -0.18 -25.53 -10.28
CA GLY D 42 0.82 -26.20 -9.45
C GLY D 42 0.40 -26.35 -8.01
N GLN D 43 1.20 -27.08 -7.25
CA GLN D 43 0.90 -27.37 -5.84
C GLN D 43 2.15 -27.27 -4.99
N SER D 44 2.05 -26.53 -3.88
CA SER D 44 3.17 -26.36 -2.95
C SER D 44 2.65 -25.87 -1.63
N THR D 45 3.28 -26.32 -0.53
CA THR D 45 3.06 -25.71 0.78
C THR D 45 4.30 -24.91 1.26
N ASN D 46 5.19 -24.59 0.34
CA ASN D 46 6.45 -23.92 0.66
C ASN D 46 6.72 -22.73 -0.25
N ASN D 47 5.65 -22.07 -0.72
CA ASN D 47 5.79 -20.84 -1.53
C ASN D 47 6.56 -21.03 -2.85
N ALA D 48 6.40 -22.19 -3.49
CA ALA D 48 7.06 -22.42 -4.78
C ALA D 48 6.44 -21.59 -5.90
N VAL D 49 7.28 -21.10 -6.81
CA VAL D 49 6.80 -20.36 -7.99
C VAL D 49 6.13 -21.36 -8.95
N ILE D 50 4.83 -21.19 -9.15
CA ILE D 50 4.08 -22.09 -10.05
C ILE D 50 3.97 -21.54 -11.48
N GLY D 51 4.45 -20.31 -11.70
CA GLY D 51 4.48 -19.75 -13.05
C GLY D 51 4.88 -18.29 -13.05
N THR D 52 5.61 -17.89 -14.10
CA THR D 52 5.96 -16.48 -14.31
C THR D 52 5.96 -16.18 -15.82
N GLN D 53 5.46 -15.01 -16.19
CA GLN D 53 5.38 -14.64 -17.60
C GLN D 53 5.33 -13.13 -17.77
N VAL D 54 5.69 -12.69 -18.98
CA VAL D 54 5.58 -11.27 -19.40
C VAL D 54 4.46 -11.15 -20.45
N LEU D 55 3.51 -10.26 -20.14
CA LEU D 55 2.35 -10.00 -21.00
C LEU D 55 2.21 -8.50 -21.34
N ASN D 56 1.44 -8.19 -22.38
CA ASN D 56 1.17 -6.84 -22.80
C ASN D 56 -0.25 -6.46 -22.36
N SER D 57 -0.41 -5.28 -21.78
CA SER D 57 -1.72 -4.83 -21.24
C SER D 57 -2.78 -4.53 -22.33
N GLY D 58 -2.31 -4.38 -23.59
CA GLY D 58 -3.20 -4.12 -24.75
C GLY D 58 -3.81 -2.71 -24.76
N SER D 59 -4.82 -2.55 -25.61
CA SER D 59 -5.46 -1.23 -25.83
C SER D 59 -6.28 -0.75 -24.64
N SER D 60 -6.91 -1.69 -23.92
CA SER D 60 -7.74 -1.35 -22.73
C SER D 60 -6.93 -1.17 -21.43
N GLY D 61 -5.89 -1.97 -21.25
CA GLY D 61 -5.12 -1.95 -20.01
C GLY D 61 -5.76 -2.74 -18.88
N LYS D 62 -6.90 -3.35 -19.12
CA LYS D 62 -7.59 -4.12 -18.07
C LYS D 62 -6.97 -5.51 -17.91
N VAL D 63 -6.53 -5.81 -16.67
CA VAL D 63 -5.95 -7.10 -16.29
C VAL D 63 -6.71 -7.70 -15.10
N GLN D 64 -7.11 -8.96 -15.22
CA GLN D 64 -7.86 -9.60 -14.15
C GLN D 64 -7.18 -10.90 -13.80
N VAL D 65 -7.14 -11.21 -12.50
CA VAL D 65 -6.57 -12.47 -12.01
C VAL D 65 -7.71 -13.28 -11.36
N GLN D 66 -7.78 -14.56 -11.76
CA GLN D 66 -8.73 -15.50 -11.22
C GLN D 66 -7.99 -16.70 -10.64
N VAL D 67 -8.43 -17.15 -9.47
CA VAL D 67 -7.85 -18.35 -8.85
C VAL D 67 -8.96 -19.39 -8.56
N SER D 68 -8.68 -20.64 -8.90
CA SER D 68 -9.59 -21.76 -8.60
C SER D 68 -8.85 -23.02 -8.18
N VAL D 69 -9.52 -23.79 -7.34
CA VAL D 69 -8.94 -25.05 -6.87
C VAL D 69 -9.97 -26.15 -7.13
N ASN D 70 -9.60 -27.11 -7.97
CA ASN D 70 -10.48 -28.16 -8.43
C ASN D 70 -11.85 -27.66 -8.91
N GLY D 71 -11.83 -26.57 -9.67
CA GLY D 71 -13.05 -25.99 -10.26
C GLY D 71 -13.76 -24.94 -9.41
N ARG D 72 -13.36 -24.86 -8.14
CA ARG D 72 -14.07 -24.01 -7.19
C ARG D 72 -13.34 -22.66 -7.09
N PRO D 73 -14.04 -21.53 -7.39
CA PRO D 73 -13.38 -20.21 -7.40
C PRO D 73 -12.95 -19.82 -5.97
N SER D 74 -11.71 -19.33 -5.82
CA SER D 74 -11.19 -18.90 -4.50
C SER D 74 -11.59 -17.44 -4.22
N ASP D 75 -11.78 -17.11 -2.95
CA ASP D 75 -12.09 -15.70 -2.56
C ASP D 75 -10.79 -14.90 -2.60
N LEU D 76 -10.87 -13.68 -3.14
CA LEU D 76 -9.65 -12.91 -3.44
C LEU D 76 -9.55 -11.63 -2.59
N VAL D 77 -8.33 -11.25 -2.27
N VAL D 77 -8.32 -11.23 -2.30
CA VAL D 77 -8.04 -9.93 -1.70
CA VAL D 77 -8.05 -9.93 -1.67
C VAL D 77 -7.00 -9.29 -2.59
C VAL D 77 -6.93 -9.25 -2.44
N SER D 78 -7.10 -7.98 -2.80
CA SER D 78 -6.12 -7.28 -3.68
C SER D 78 -5.94 -5.80 -3.35
N ALA D 79 -4.81 -5.25 -3.78
CA ALA D 79 -4.53 -3.81 -3.68
C ALA D 79 -3.40 -3.48 -4.66
N GLN D 80 -3.35 -2.20 -5.07
CA GLN D 80 -2.24 -1.70 -5.88
C GLN D 80 -1.44 -0.67 -5.10
N VAL D 81 -0.11 -0.77 -5.19
N VAL D 81 -0.11 -0.75 -5.19
CA VAL D 81 0.79 0.14 -4.47
CA VAL D 81 0.74 0.19 -4.47
C VAL D 81 1.79 0.73 -5.47
C VAL D 81 1.86 0.72 -5.38
N ILE D 82 2.05 2.04 -5.35
CA ILE D 82 3.02 2.72 -6.20
C ILE D 82 4.11 3.38 -5.33
N LEU D 83 5.36 3.07 -5.63
CA LEU D 83 6.52 3.62 -4.93
C LEU D 83 7.21 4.70 -5.77
N THR D 84 7.62 5.79 -5.09
CA THR D 84 8.29 6.94 -5.73
C THR D 84 7.63 7.37 -7.06
N ASN D 85 6.31 7.22 -7.13
CA ASN D 85 5.49 7.68 -8.28
C ASN D 85 5.85 7.02 -9.62
N GLU D 86 6.51 5.84 -9.55
CA GLU D 86 7.09 5.16 -10.74
C GLU D 86 6.86 3.65 -10.74
N LEU D 87 7.04 3.03 -9.58
CA LEU D 87 7.11 1.55 -9.55
C LEU D 87 5.78 1.03 -9.02
N ASN D 88 5.12 0.17 -9.82
CA ASN D 88 3.78 -0.31 -9.50
C ASN D 88 3.76 -1.80 -9.12
N PHE D 89 3.00 -2.12 -8.06
CA PHE D 89 2.74 -3.49 -7.65
C PHE D 89 1.24 -3.73 -7.60
N ALA D 90 0.78 -4.76 -8.29
CA ALA D 90 -0.62 -5.18 -8.15
C ALA D 90 -0.59 -6.54 -7.45
N LEU D 91 -1.17 -6.60 -6.25
CA LEU D 91 -0.99 -7.77 -5.35
C LEU D 91 -2.30 -8.51 -5.11
N VAL D 92 -2.25 -9.84 -5.19
CA VAL D 92 -3.46 -10.66 -5.05
C VAL D 92 -3.20 -11.81 -4.06
N GLY D 93 -4.10 -11.95 -3.07
CA GLY D 93 -4.12 -13.15 -2.19
C GLY D 93 -5.42 -13.91 -2.43
N SER D 94 -5.42 -15.21 -2.16
CA SER D 94 -6.61 -16.04 -2.38
C SER D 94 -6.79 -17.07 -1.26
N GLU D 95 -8.05 -17.42 -0.98
CA GLU D 95 -8.37 -18.41 0.04
C GLU D 95 -9.21 -19.56 -0.56
N ASP D 96 -8.78 -20.80 -0.33
CA ASP D 96 -9.44 -21.95 -0.89
C ASP D 96 -10.12 -22.78 0.20
N GLY D 97 -9.88 -22.44 1.46
CA GLY D 97 -10.36 -23.23 2.61
C GLY D 97 -11.10 -22.46 3.66
N THR D 98 -10.83 -22.79 4.94
CA THR D 98 -11.54 -22.22 6.07
C THR D 98 -10.63 -21.39 7.01
N ASP D 99 -9.31 -21.52 6.86
CA ASP D 99 -8.36 -20.91 7.80
C ASP D 99 -8.12 -19.42 7.57
N ASN D 100 -8.51 -18.94 6.38
CA ASN D 100 -8.44 -17.50 6.04
C ASN D 100 -7.04 -16.91 6.17
N ASP D 101 -6.03 -17.71 5.78
CA ASP D 101 -4.66 -17.18 5.68
C ASP D 101 -4.41 -16.47 4.31
N TYR D 102 -5.34 -16.64 3.36
CA TYR D 102 -5.32 -15.94 2.05
C TYR D 102 -3.99 -15.96 1.31
N ASN D 103 -3.21 -17.02 1.51
CA ASN D 103 -1.93 -17.17 0.82
C ASN D 103 -1.87 -18.40 -0.12
N ASP D 104 -3.01 -19.08 -0.26
CA ASP D 104 -3.08 -20.37 -1.00
C ASP D 104 -2.54 -20.22 -2.40
N ALA D 105 -2.95 -19.14 -3.07
CA ALA D 105 -2.23 -18.68 -4.26
C ALA D 105 -1.98 -17.18 -4.17
N VAL D 106 -0.73 -16.79 -4.20
CA VAL D 106 -0.36 -15.37 -4.13
C VAL D 106 0.12 -14.95 -5.52
N VAL D 107 -0.43 -13.84 -6.02
CA VAL D 107 -0.06 -13.33 -7.36
C VAL D 107 0.51 -11.91 -7.29
N VAL D 108 1.70 -11.73 -7.86
CA VAL D 108 2.34 -10.40 -7.91
C VAL D 108 2.47 -9.94 -9.37
N ILE D 109 1.87 -8.79 -9.68
CA ILE D 109 1.99 -8.12 -10.98
C ILE D 109 2.88 -6.89 -10.79
N ASN D 110 3.89 -6.75 -11.64
CA ASN D 110 4.78 -5.59 -11.56
C ASN D 110 5.06 -4.89 -12.90
N TRP D 111 5.08 -3.54 -12.85
CA TRP D 111 5.42 -2.73 -14.04
C TRP D 111 5.92 -1.34 -13.60
N PRO D 112 6.67 -0.64 -14.48
CA PRO D 112 7.10 -1.10 -15.81
C PRO D 112 8.31 -2.05 -15.79
N LEU D 113 8.62 -2.62 -16.95
CA LEU D 113 9.77 -3.52 -17.13
C LEU D 113 10.82 -2.87 -18.01
N GLY D 114 11.97 -3.53 -18.16
CA GLY D 114 13.04 -3.07 -19.04
C GLY D 114 14.06 -2.17 -18.35
CA CA E . 6.51 13.21 16.49
CA CA F . 9.96 13.10 14.90
S SO4 G . -14.08 15.78 -10.60
O1 SO4 G . -15.24 16.24 -9.85
O2 SO4 G . -13.77 14.37 -10.24
O3 SO4 G . -14.43 15.86 -12.01
O4 SO4 G . -12.91 16.61 -10.31
C1 FUC H . 9.83 16.79 18.20
C2 FUC H . 9.55 15.57 17.27
C3 FUC H . 9.24 14.31 18.09
C4 FUC H . 8.24 14.58 19.21
C5 FUC H . 8.58 15.84 20.05
C6 FUC H . 7.44 16.13 21.06
O1 FUC H . 11.05 16.62 18.89
O2 FUC H . 10.66 15.30 16.43
O3 FUC H . 8.76 13.28 17.20
O4 FUC H . 6.97 14.71 18.63
O5 FUC H . 8.80 16.95 19.17
C1 LZ0 I . -24.46 8.50 -3.79
C2 LZ0 I . -23.12 7.77 -4.04
C3 LZ0 I . -22.42 8.23 -5.33
C4 LZ0 I . -22.39 9.76 -5.38
C5 LZ0 I . -23.80 10.35 -5.18
C6 LZ0 I . -23.80 11.87 -5.21
O1 LZ0 I . -25.46 8.00 -4.69
O2 LZ0 I . -23.29 6.35 -4.11
O3 LZ0 I . -21.07 7.73 -5.31
O4 LZ0 I . -21.50 10.25 -4.36
O5 LZ0 I . -24.33 9.92 -3.93
O1' LZ0 I . -28.58 5.67 -4.78
C5' LZ0 I . -28.11 4.84 -3.99
C4' LZ0 I . -26.93 5.25 -3.14
N1' LZ0 I . -27.27 6.53 -2.52
C1' LZ0 I . -27.19 7.78 -2.95
C3' LZ0 I . -26.69 8.40 -4.24
C2' LZ0 I . -27.68 8.63 -1.94
N3' LZ0 I . -28.05 7.85 -0.87
N2' LZ0 I . -27.83 6.49 -1.22
CA CA J . -20.65 5.45 -4.32
CA CA K . -19.44 8.92 -3.70
S SO4 L . -19.46 20.76 2.92
O1 SO4 L . -20.42 21.86 2.90
O2 SO4 L . -20.14 19.51 2.69
O3 SO4 L . -18.46 20.97 1.88
O4 SO4 L . -18.85 20.72 4.25
C1 LZ0 M . 20.02 0.52 -16.86
C2 LZ0 M . 18.75 0.94 -16.08
C3 LZ0 M . 17.64 1.44 -17.01
C4 LZ0 M . 17.39 0.43 -18.13
C5 LZ0 M . 18.73 0.11 -18.84
C6 LZ0 M . 18.57 -0.92 -19.97
O1 LZ0 M . 20.76 1.63 -17.36
O2 LZ0 M . 19.08 1.97 -15.16
O3 LZ0 M . 16.44 1.62 -16.28
O4 LZ0 M . 16.77 -0.70 -17.53
O5 LZ0 M . 19.66 -0.40 -17.89
O1' LZ0 M . 23.99 3.81 -16.85
C5' LZ0 M . 24.08 3.71 -15.64
C4' LZ0 M . 23.19 2.67 -14.98
N1' LZ0 M . 23.43 1.39 -15.65
C1' LZ0 M . 22.99 0.86 -16.77
C3' LZ0 M . 22.01 1.36 -17.82
C2' LZ0 M . 23.56 -0.41 -16.92
N3' LZ0 M . 24.39 -0.60 -15.84
N2' LZ0 M . 24.33 0.54 -15.01
CA CA N . 17.16 2.43 -13.90
CA CA O . 15.31 -0.60 -15.41
C1 LZ0 P . -5.37 -25.71 2.57
C2 LZ0 P . -5.26 -24.21 2.87
C3 LZ0 P . -4.54 -23.92 4.20
C4 LZ0 P . -3.21 -24.68 4.27
C5 LZ0 P . -3.46 -26.17 3.98
C6 LZ0 P . -2.14 -26.96 4.04
O1 LZ0 P . -6.35 -26.34 3.38
O2 LZ0 P . -6.53 -23.51 2.84
O3 LZ0 P . -4.31 -22.53 4.31
O4 LZ0 P . -2.29 -24.12 3.35
O5 LZ0 P . -4.10 -26.36 2.70
O1' LZ0 P . -10.04 -27.93 3.37
C5' LZ0 P . -10.51 -27.01 2.69
C4' LZ0 P . -9.55 -26.16 1.86
N1' LZ0 P . -8.58 -27.00 1.17
C1' LZ0 P . -7.46 -27.59 1.59
C3' LZ0 P . -6.74 -27.61 2.94
C2' LZ0 P . -6.90 -28.28 0.51
N3' LZ0 P . -7.71 -28.12 -0.58
N2' LZ0 P . -8.80 -27.30 -0.18
CA CA Q . -2.34 -21.58 2.83
CA CA R . -6.13 -20.95 3.40
#